data_6K5O
#
_entry.id   6K5O
#
_cell.length_a   153.884
_cell.length_b   43.690
_cell.length_c   41.792
_cell.angle_alpha   90.00
_cell.angle_beta   96.05
_cell.angle_gamma   90.00
#
_symmetry.space_group_name_H-M   'C 1 2 1'
#
loop_
_entity.id
_entity.type
_entity.pdbx_description
1 polymer 'Vitamin D3 receptor'
2 polymer 'Mediator of RNA polymerase II transcription subunit 1'
3 non-polymer '(4~{R})-4-[(3~{R},5~{R},8~{R},9~{S},10~{S},13~{R},14~{S},17~{R})-10,13-dimethyl-3-methylsulfonyloxy-2,3,4,5,6,7,8,9,11,12,14,15,16,17-tetradecahydro-1~{H}-cyclopenta[a]phenanthren-17-yl]pentanoic acid'
4 water water
#
loop_
_entity_poly.entity_id
_entity_poly.type
_entity_poly.pdbx_seq_one_letter_code
_entity_poly.pdbx_strand_id
1 'polypeptide(L)'
;GSHMGSPNSPLKDSLRPKLSEEQQHIIAILLDAHHKTYDPTYADFRDFRPPVRMDGSTGSVTLDLSPLSMLPHLADLVSY
SIQKVIGFAKMIPGFRDLTSDDQIVLLKSSAIEVIMLRSNQSFTMDDMSWDCGSQDYKYDVTDVSKAGHTLELIEPLIKF
QVGLKKLNLHEEEHVLLMAICIVSPDRPGVQDAKLVEAIQDRLSNTLQTYIRCRHPPPGSHQLYAKMIQKLADLRSLNEE
HSKQYRSLSFQPENSMKLTPLVLEVFGNEIS
;
A
2 'polypeptide(L)' KNHPMLMNLLKDN C
#
loop_
_chem_comp.id
_chem_comp.type
_chem_comp.name
_chem_comp.formula
D0O non-polymer '(4~{R})-4-[(3~{R},5~{R},8~{R},9~{S},10~{S},13~{R},14~{S},17~{R})-10,13-dimethyl-3-methylsulfonyloxy-2,3,4,5,6,7,8,9,11,12,14,15,16,17-tetradecahydro-1~{H}-cyclopenta[a]phenanthren-17-yl]pentanoic acid' 'C25 H42 O5 S'
#
# COMPACT_ATOMS: atom_id res chain seq x y z
N LYS A 18 -26.37 0.23 -11.55
CA LYS A 18 -26.32 1.75 -11.50
C LYS A 18 -25.70 2.22 -10.18
N LEU A 19 -24.82 3.23 -10.26
CA LEU A 19 -24.07 3.74 -9.09
C LEU A 19 -24.94 4.70 -8.28
N SER A 20 -25.21 4.35 -7.01
CA SER A 20 -25.97 5.20 -6.11
C SER A 20 -25.24 6.52 -5.86
N GLU A 21 -25.93 7.42 -5.14
CA GLU A 21 -25.37 8.73 -4.78
C GLU A 21 -24.27 8.53 -3.72
N GLU A 22 -24.55 7.68 -2.73
CA GLU A 22 -23.59 7.30 -1.70
C GLU A 22 -22.31 6.76 -2.37
N GLN A 23 -22.48 5.90 -3.37
CA GLN A 23 -21.35 5.22 -4.01
C GLN A 23 -20.49 6.19 -4.83
N GLN A 24 -21.14 7.12 -5.53
CA GLN A 24 -20.44 8.15 -6.33
C GLN A 24 -19.62 9.04 -5.41
N HIS A 25 -20.18 9.35 -4.24
CA HIS A 25 -19.53 10.20 -3.27
C HIS A 25 -18.27 9.49 -2.71
N ILE A 26 -18.42 8.19 -2.38
CA ILE A 26 -17.29 7.34 -1.90
C ILE A 26 -16.12 7.42 -2.90
N ILE A 27 -16.43 7.32 -4.19
CA ILE A 27 -15.43 7.32 -5.22
C ILE A 27 -14.75 8.69 -5.30
N ALA A 28 -15.55 9.76 -5.34
CA ALA A 28 -14.99 11.10 -5.42
C ALA A 28 -14.06 11.32 -4.22
N ILE A 29 -14.45 10.84 -3.03
CA ILE A 29 -13.64 11.09 -1.84
C ILE A 29 -12.30 10.32 -1.88
N LEU A 30 -12.35 9.05 -2.26
CA LEU A 30 -11.13 8.22 -2.36
C LEU A 30 -10.21 8.75 -3.47
N LEU A 31 -10.76 9.22 -4.59
CA LEU A 31 -9.92 9.84 -5.63
C LEU A 31 -9.19 11.06 -5.06
N ASP A 32 -9.90 11.95 -4.35
CA ASP A 32 -9.27 13.17 -3.83
C ASP A 32 -8.22 12.79 -2.77
N ALA A 33 -8.60 11.84 -1.89
CA ALA A 33 -7.72 11.36 -0.83
C ALA A 33 -6.40 10.84 -1.41
N HIS A 34 -6.47 10.16 -2.55
CA HIS A 34 -5.30 9.62 -3.23
C HIS A 34 -4.50 10.77 -3.86
N HIS A 35 -5.21 11.68 -4.54
CA HIS A 35 -4.52 12.83 -5.19
C HIS A 35 -3.75 13.63 -4.13
N LYS A 36 -4.25 13.66 -2.89
CA LYS A 36 -3.68 14.45 -1.82
C LYS A 36 -2.46 13.73 -1.20
N THR A 37 -2.33 12.40 -1.38
CA THR A 37 -1.33 11.60 -0.62
C THR A 37 -0.33 10.85 -1.53
N TYR A 38 -0.46 10.96 -2.85
CA TYR A 38 0.45 10.35 -3.81
C TYR A 38 0.80 11.42 -4.86
N ASP A 39 1.98 12.01 -4.73
CA ASP A 39 2.48 13.04 -5.61
C ASP A 39 3.15 12.37 -6.81
N PRO A 40 2.56 12.41 -8.03
CA PRO A 40 3.18 11.74 -9.18
C PRO A 40 4.36 12.53 -9.75
N THR A 41 4.79 13.63 -9.12
CA THR A 41 6.10 14.24 -9.47
C THR A 41 7.20 13.80 -8.51
N TYR A 42 6.85 13.15 -7.38
CA TYR A 42 7.84 12.52 -6.50
C TYR A 42 8.82 13.58 -5.95
N ALA A 43 8.34 14.82 -5.79
CA ALA A 43 9.13 15.97 -5.35
C ALA A 43 9.82 15.72 -4.00
N ASP A 44 9.17 14.96 -3.12
CA ASP A 44 9.68 14.81 -1.75
C ASP A 44 10.88 13.87 -1.70
N PHE A 45 11.15 13.13 -2.79
CA PHE A 45 12.14 12.05 -2.79
C PHE A 45 13.53 12.63 -2.53
N ARG A 46 13.69 13.92 -2.84
CA ARG A 46 14.89 14.73 -2.64
C ARG A 46 15.24 14.81 -1.16
N ASP A 47 14.24 14.79 -0.28
CA ASP A 47 14.46 14.90 1.17
C ASP A 47 15.00 13.59 1.78
N PHE A 48 14.99 12.49 1.02
CA PHE A 48 15.41 11.19 1.58
C PHE A 48 16.93 11.13 1.59
N ARG A 49 17.49 10.39 2.55
CA ARG A 49 18.87 9.99 2.45
C ARG A 49 19.12 9.49 1.03
N PRO A 50 20.24 9.87 0.39
CA PRO A 50 20.43 9.59 -1.03
C PRO A 50 20.59 8.12 -1.36
N PRO A 51 20.22 7.73 -2.60
CA PRO A 51 20.40 6.36 -3.07
C PRO A 51 21.89 6.06 -3.30
N VAL A 52 22.29 4.79 -3.12
CA VAL A 52 23.66 4.34 -3.43
C VAL A 52 23.59 2.99 -4.16
N ARG A 53 24.05 2.98 -5.42
CA ARG A 53 24.06 1.78 -6.25
C ARG A 53 25.50 1.24 -6.36
N PRO A 67 25.38 -3.47 -0.86
CA PRO A 67 24.92 -4.65 -0.05
C PRO A 67 23.62 -4.35 0.73
N LEU A 68 23.73 -3.49 1.77
CA LEU A 68 22.64 -2.69 2.35
C LEU A 68 22.79 -1.24 1.91
N SER A 69 23.40 -1.03 0.74
CA SER A 69 23.76 0.27 0.27
C SER A 69 22.51 1.13 0.02
N MET A 70 21.39 0.49 -0.38
CA MET A 70 20.18 1.25 -0.73
C MET A 70 19.23 1.35 0.49
N LEU A 71 19.65 0.82 1.64
CA LEU A 71 18.75 0.75 2.76
C LEU A 71 18.38 2.14 3.27
N PRO A 72 19.34 3.07 3.46
CA PRO A 72 18.96 4.39 3.98
C PRO A 72 17.88 5.07 3.14
N HIS A 73 18.05 5.08 1.81
CA HIS A 73 17.12 5.71 0.89
C HIS A 73 15.74 5.02 0.90
N LEU A 74 15.73 3.69 0.82
CA LEU A 74 14.49 2.96 0.69
C LEU A 74 13.76 2.92 2.03
N ALA A 75 14.51 2.89 3.13
CA ALA A 75 13.90 2.97 4.47
C ALA A 75 13.17 4.31 4.61
N ASP A 76 13.80 5.40 4.17
CA ASP A 76 13.19 6.73 4.21
C ASP A 76 11.95 6.77 3.29
N LEU A 77 12.07 6.12 2.13
CA LEU A 77 11.00 6.10 1.17
C LEU A 77 9.80 5.37 1.79
N VAL A 78 10.06 4.19 2.34
CA VAL A 78 9.01 3.44 2.90
C VAL A 78 8.38 4.21 4.07
N SER A 79 9.21 4.89 4.87
CA SER A 79 8.73 5.60 6.10
C SER A 79 7.79 6.74 5.70
N TYR A 80 8.17 7.45 4.66
CA TYR A 80 7.38 8.51 4.08
C TYR A 80 6.05 7.94 3.59
N SER A 81 6.16 6.84 2.83
CA SER A 81 5.02 6.22 2.20
C SER A 81 4.03 5.74 3.27
N ILE A 82 4.57 5.30 4.41
CA ILE A 82 3.73 4.90 5.56
C ILE A 82 2.86 6.10 5.99
N GLN A 83 3.47 7.28 6.07
CA GLN A 83 2.76 8.47 6.49
C GLN A 83 1.69 8.82 5.46
N LYS A 84 2.04 8.78 4.18
CA LYS A 84 1.08 9.04 3.11
C LYS A 84 -0.12 8.08 3.19
N VAL A 85 0.12 6.77 3.45
CA VAL A 85 -0.95 5.73 3.53
C VAL A 85 -1.87 6.05 4.72
N ILE A 86 -1.29 6.52 5.83
CA ILE A 86 -2.09 6.90 6.98
C ILE A 86 -3.02 8.04 6.59
N GLY A 87 -2.48 9.02 5.86
CA GLY A 87 -3.26 10.17 5.40
C GLY A 87 -4.40 9.75 4.48
N PHE A 88 -4.15 8.78 3.60
CA PHE A 88 -5.15 8.22 2.73
C PHE A 88 -6.21 7.52 3.56
N ALA A 89 -5.75 6.68 4.48
CA ALA A 89 -6.66 5.84 5.23
C ALA A 89 -7.67 6.72 5.98
N LYS A 90 -7.18 7.81 6.58
CA LYS A 90 -7.98 8.68 7.43
C LYS A 90 -9.21 9.19 6.68
N MET A 91 -9.09 9.39 5.37
CA MET A 91 -10.14 9.98 4.57
C MET A 91 -11.07 8.90 3.96
N ILE A 92 -10.89 7.61 4.33
CA ILE A 92 -11.78 6.50 3.86
C ILE A 92 -13.14 6.64 4.53
N PRO A 93 -14.27 6.75 3.79
CA PRO A 93 -15.60 6.80 4.40
C PRO A 93 -15.81 5.63 5.38
N GLY A 94 -16.04 5.99 6.63
CA GLY A 94 -16.38 5.06 7.68
C GLY A 94 -15.21 4.81 8.62
N PHE A 95 -14.00 5.18 8.18
CA PHE A 95 -12.79 4.80 8.90
C PHE A 95 -12.75 5.54 10.26
N ARG A 96 -13.20 6.80 10.25
CA ARG A 96 -13.23 7.72 11.44
C ARG A 96 -14.11 7.11 12.55
N ASP A 97 -15.12 6.32 12.17
CA ASP A 97 -16.04 5.68 13.11
C ASP A 97 -15.37 4.54 13.89
N LEU A 98 -14.20 4.06 13.45
CA LEU A 98 -13.50 2.96 14.11
C LEU A 98 -12.83 3.52 15.36
N THR A 99 -12.56 2.65 16.34
CA THR A 99 -11.74 3.03 17.50
C THR A 99 -10.33 3.37 17.02
N SER A 100 -9.61 4.08 17.90
CA SER A 100 -8.21 4.39 17.72
C SER A 100 -7.41 3.08 17.64
N ASP A 101 -7.65 2.17 18.59
CA ASP A 101 -6.95 0.89 18.60
C ASP A 101 -7.14 0.12 17.28
N ASP A 102 -8.35 0.21 16.71
CA ASP A 102 -8.68 -0.57 15.52
C ASP A 102 -8.03 0.09 14.32
N GLN A 103 -7.99 1.43 14.33
CA GLN A 103 -7.32 2.15 13.31
C GLN A 103 -5.85 1.72 13.25
N ILE A 104 -5.24 1.61 14.45
CA ILE A 104 -3.85 1.25 14.61
C ILE A 104 -3.57 -0.14 14.04
N VAL A 105 -4.36 -1.15 14.43
CA VAL A 105 -4.07 -2.52 13.99
C VAL A 105 -4.28 -2.64 12.47
N LEU A 106 -5.25 -1.92 11.90
CA LEU A 106 -5.50 -2.01 10.44
C LEU A 106 -4.32 -1.43 9.67
N LEU A 107 -3.79 -0.28 10.13
CA LEU A 107 -2.72 0.38 9.39
C LEU A 107 -1.39 -0.33 9.56
N LYS A 108 -1.16 -0.92 10.74
CA LYS A 108 0.07 -1.62 11.02
C LYS A 108 0.19 -2.85 10.11
N SER A 109 -0.90 -3.60 9.92
CA SER A 109 -0.87 -4.81 9.12
C SER A 109 -1.01 -4.48 7.64
N SER A 110 -1.70 -3.37 7.28
CA SER A 110 -1.97 -3.03 5.86
C SER A 110 -0.83 -2.23 5.21
N ALA A 111 -0.02 -1.53 6.01
CA ALA A 111 0.82 -0.48 5.46
C ALA A 111 1.66 -1.01 4.28
N ILE A 112 2.41 -2.10 4.52
CA ILE A 112 3.31 -2.65 3.51
C ILE A 112 2.53 -3.02 2.23
N GLU A 113 1.36 -3.61 2.39
CA GLU A 113 0.50 -4.02 1.26
C GLU A 113 0.05 -2.80 0.44
N VAL A 114 -0.41 -1.75 1.12
CA VAL A 114 -0.87 -0.56 0.42
C VAL A 114 0.32 0.12 -0.26
N ILE A 115 1.50 0.08 0.37
CA ILE A 115 2.71 0.64 -0.26
C ILE A 115 2.96 -0.11 -1.59
N MET A 116 2.84 -1.44 -1.54
CA MET A 116 3.03 -2.27 -2.71
C MET A 116 1.94 -1.98 -3.74
N LEU A 117 0.69 -1.79 -3.30
CA LEU A 117 -0.40 -1.44 -4.25
C LEU A 117 -0.14 -0.09 -4.89
N ARG A 118 0.03 0.93 -4.04
CA ARG A 118 0.16 2.30 -4.56
C ARG A 118 1.36 2.37 -5.51
N SER A 119 2.38 1.52 -5.27
CA SER A 119 3.62 1.54 -6.11
C SER A 119 3.33 1.15 -7.58
N ASN A 120 2.22 0.47 -7.83
CA ASN A 120 1.91 0.06 -9.17
C ASN A 120 1.86 1.27 -10.12
N GLN A 121 1.57 2.46 -9.58
CA GLN A 121 1.39 3.65 -10.41
C GLN A 121 2.72 4.04 -11.08
N SER A 122 3.85 3.82 -10.41
CA SER A 122 5.18 4.16 -10.93
C SER A 122 5.84 2.95 -11.61
N PHE A 123 5.33 1.76 -11.36
CA PHE A 123 5.91 0.56 -11.93
C PHE A 123 5.67 0.54 -13.44
N THR A 124 6.70 0.22 -14.21
CA THR A 124 6.60 0.10 -15.69
C THR A 124 7.14 -1.27 -16.13
N MET A 125 6.38 -1.95 -16.99
CA MET A 125 6.75 -3.28 -17.45
C MET A 125 7.88 -3.20 -18.49
N ASP A 126 8.10 -2.01 -19.06
CA ASP A 126 9.15 -1.78 -20.04
C ASP A 126 10.47 -2.37 -19.53
N ASP A 127 10.89 -1.98 -18.32
CA ASP A 127 12.20 -2.42 -17.78
C ASP A 127 12.04 -2.95 -16.34
N MET A 128 10.83 -3.42 -16.01
CA MET A 128 10.47 -3.98 -14.70
C MET A 128 11.06 -3.11 -13.57
N SER A 129 10.71 -1.82 -13.58
CA SER A 129 11.25 -0.92 -12.62
C SER A 129 10.15 0.01 -12.11
N TRP A 130 10.38 0.53 -10.89
CA TRP A 130 9.63 1.68 -10.37
C TRP A 130 10.33 2.98 -10.82
N ASP A 131 9.67 3.70 -11.72
CA ASP A 131 10.19 4.92 -12.30
C ASP A 131 9.55 6.12 -11.60
N CYS A 132 10.22 6.64 -10.58
CA CYS A 132 9.66 7.70 -9.73
C CYS A 132 10.23 9.06 -10.13
N GLY A 133 10.23 9.35 -11.43
CA GLY A 133 10.48 10.69 -11.96
C GLY A 133 11.86 10.88 -12.58
N SER A 134 12.88 10.15 -12.10
CA SER A 134 14.23 10.37 -12.55
C SER A 134 15.09 9.13 -12.30
N GLN A 135 16.27 9.11 -12.94
CA GLN A 135 17.13 7.94 -12.92
C GLN A 135 17.65 7.70 -11.49
N ASP A 136 17.83 8.78 -10.73
CA ASP A 136 18.15 8.67 -9.29
C ASP A 136 17.05 7.90 -8.56
N TYR A 137 15.80 8.20 -8.92
CA TYR A 137 14.61 7.59 -8.29
C TYR A 137 13.92 6.64 -9.28
N LYS A 138 14.72 5.75 -9.88
CA LYS A 138 14.24 4.71 -10.73
C LYS A 138 14.82 3.40 -10.18
N TYR A 139 13.94 2.51 -9.70
CA TYR A 139 14.41 1.40 -8.90
C TYR A 139 14.09 0.12 -9.65
N ASP A 140 15.13 -0.72 -9.85
CA ASP A 140 15.01 -2.01 -10.53
C ASP A 140 15.25 -3.13 -9.52
N VAL A 141 15.30 -4.36 -10.03
CA VAL A 141 15.42 -5.54 -9.20
C VAL A 141 16.71 -5.43 -8.34
N THR A 142 17.80 -4.92 -8.93
CA THR A 142 19.09 -4.93 -8.20
C THR A 142 19.08 -3.82 -7.13
N ASP A 143 18.49 -2.66 -7.45
CA ASP A 143 18.35 -1.55 -6.50
C ASP A 143 17.55 -2.01 -5.27
N VAL A 144 16.37 -2.63 -5.48
CA VAL A 144 15.48 -2.93 -4.36
C VAL A 144 15.97 -4.18 -3.65
N SER A 145 16.94 -4.87 -4.25
CA SER A 145 17.64 -5.99 -3.60
C SER A 145 18.82 -5.53 -2.75
N LYS A 146 19.12 -4.22 -2.71
CA LYS A 146 20.28 -3.72 -1.97
C LYS A 146 19.79 -3.06 -0.67
N ALA A 147 18.77 -3.64 -0.02
CA ALA A 147 18.18 -3.07 1.21
C ALA A 147 17.92 -4.17 2.26
N GLY A 148 18.56 -5.32 2.08
CA GLY A 148 18.50 -6.39 3.07
C GLY A 148 17.47 -7.45 2.75
N HIS A 149 16.66 -7.26 1.70
CA HIS A 149 15.60 -8.19 1.32
C HIS A 149 16.08 -9.04 0.15
N THR A 150 15.74 -10.33 0.18
CA THR A 150 16.20 -11.30 -0.85
C THR A 150 15.14 -11.45 -1.94
N LEU A 151 15.43 -12.34 -2.90
CA LEU A 151 14.61 -12.52 -4.08
C LEU A 151 13.34 -13.31 -3.71
N GLU A 152 13.33 -13.89 -2.51
CA GLU A 152 12.20 -14.60 -1.98
C GLU A 152 11.03 -13.62 -1.77
N LEU A 153 11.34 -12.34 -1.51
CA LEU A 153 10.31 -11.27 -1.52
C LEU A 153 10.24 -10.56 -2.88
N ILE A 154 11.38 -10.17 -3.42
CA ILE A 154 11.41 -9.27 -4.57
C ILE A 154 10.87 -9.94 -5.84
N GLU A 155 11.20 -11.22 -6.07
CA GLU A 155 10.75 -11.86 -7.32
C GLU A 155 9.22 -11.90 -7.31
N PRO A 156 8.56 -12.42 -6.25
CA PRO A 156 7.09 -12.36 -6.19
C PRO A 156 6.52 -10.92 -6.17
N LEU A 157 7.23 -9.95 -5.59
CA LEU A 157 6.73 -8.56 -5.56
C LEU A 157 6.64 -8.03 -6.99
N ILE A 158 7.69 -8.30 -7.76
CA ILE A 158 7.76 -7.84 -9.13
C ILE A 158 6.69 -8.56 -9.96
N LYS A 159 6.50 -9.89 -9.76
CA LYS A 159 5.45 -10.62 -10.51
C LYS A 159 4.08 -10.06 -10.12
N PHE A 160 3.89 -9.70 -8.85
CA PHE A 160 2.66 -9.08 -8.42
C PHE A 160 2.37 -7.80 -9.22
N GLN A 161 3.40 -6.97 -9.38
CA GLN A 161 3.30 -5.65 -10.03
C GLN A 161 2.93 -5.83 -11.51
N VAL A 162 3.51 -6.85 -12.15
CA VAL A 162 3.15 -7.21 -13.51
C VAL A 162 1.68 -7.59 -13.60
N GLY A 163 1.21 -8.52 -12.77
CA GLY A 163 -0.19 -8.97 -12.89
C GLY A 163 -1.17 -7.84 -12.62
N LEU A 164 -0.85 -7.03 -11.62
CA LEU A 164 -1.68 -5.89 -11.22
C LEU A 164 -1.70 -4.89 -12.38
N LYS A 165 -0.55 -4.64 -13.00
CA LYS A 165 -0.47 -3.67 -14.12
C LYS A 165 -1.31 -4.16 -15.32
N LYS A 166 -1.36 -5.47 -15.55
CA LYS A 166 -2.13 -6.02 -16.68
C LYS A 166 -3.62 -5.88 -16.45
N LEU A 167 -4.08 -5.70 -15.21
CA LEU A 167 -5.49 -5.47 -14.97
C LEU A 167 -5.94 -4.12 -15.57
N ASN A 168 -4.99 -3.20 -15.79
CA ASN A 168 -5.28 -1.90 -16.39
C ASN A 168 -6.41 -1.20 -15.61
N LEU A 169 -6.30 -1.14 -14.28
CA LEU A 169 -7.38 -0.61 -13.44
C LEU A 169 -7.62 0.85 -13.77
N HIS A 170 -8.88 1.27 -13.71
CA HIS A 170 -9.24 2.69 -13.62
C HIS A 170 -8.74 3.20 -12.27
N GLU A 171 -8.35 4.48 -12.22
CA GLU A 171 -7.91 5.08 -10.98
C GLU A 171 -8.94 4.77 -9.87
N GLU A 172 -10.23 4.80 -10.21
CA GLU A 172 -11.36 4.61 -9.26
C GLU A 172 -11.26 3.23 -8.62
N GLU A 173 -10.95 2.23 -9.44
CA GLU A 173 -10.75 0.86 -8.99
C GLU A 173 -9.49 0.77 -8.09
N HIS A 174 -8.40 1.44 -8.48
CA HIS A 174 -7.14 1.42 -7.76
C HIS A 174 -7.39 1.93 -6.33
N VAL A 175 -8.08 3.06 -6.21
CA VAL A 175 -8.22 3.69 -4.91
C VAL A 175 -9.19 2.88 -4.06
N LEU A 176 -10.22 2.31 -4.71
CA LEU A 176 -11.14 1.41 -3.99
C LEU A 176 -10.38 0.18 -3.44
N LEU A 177 -9.49 -0.39 -4.25
CA LEU A 177 -8.76 -1.59 -3.83
C LEU A 177 -7.86 -1.28 -2.63
N MET A 178 -7.18 -0.14 -2.65
CA MET A 178 -6.33 0.26 -1.51
C MET A 178 -7.20 0.40 -0.26
N ALA A 179 -8.35 1.05 -0.42
CA ALA A 179 -9.22 1.29 0.76
C ALA A 179 -9.74 -0.05 1.31
N ILE A 180 -10.13 -0.97 0.41
CA ILE A 180 -10.61 -2.30 0.79
C ILE A 180 -9.47 -3.02 1.55
N CYS A 181 -8.25 -2.90 1.05
CA CYS A 181 -7.12 -3.57 1.66
C CYS A 181 -6.91 -3.12 3.13
N ILE A 182 -7.03 -1.82 3.37
CA ILE A 182 -6.85 -1.22 4.73
C ILE A 182 -7.94 -1.74 5.69
N VAL A 183 -9.21 -1.68 5.25
CA VAL A 183 -10.37 -1.98 6.10
C VAL A 183 -10.73 -3.47 5.96
N SER A 184 -9.80 -4.33 6.35
CA SER A 184 -10.00 -5.79 6.29
C SER A 184 -10.31 -6.31 7.68
N PRO A 185 -11.47 -6.99 7.88
CA PRO A 185 -11.90 -7.42 9.20
C PRO A 185 -11.07 -8.55 9.80
N ASP A 186 -10.31 -9.27 8.97
CA ASP A 186 -9.60 -10.43 9.49
C ASP A 186 -8.20 -10.08 10.02
N ARG A 187 -7.79 -8.81 10.00
CA ARG A 187 -6.42 -8.50 10.39
C ARG A 187 -6.22 -8.92 11.86
N PRO A 188 -5.03 -9.41 12.26
CA PRO A 188 -4.81 -9.79 13.66
C PRO A 188 -5.05 -8.62 14.62
N GLY A 189 -5.82 -8.86 15.68
CA GLY A 189 -5.97 -7.95 16.79
C GLY A 189 -7.16 -7.03 16.65
N VAL A 190 -7.98 -7.23 15.62
CA VAL A 190 -9.12 -6.36 15.34
C VAL A 190 -10.19 -6.64 16.41
N GLN A 191 -10.72 -5.59 17.05
CA GLN A 191 -11.74 -5.76 18.12
C GLN A 191 -13.14 -5.80 17.49
N ASP A 192 -13.50 -4.72 16.80
CA ASP A 192 -14.83 -4.51 16.23
C ASP A 192 -14.89 -4.94 14.75
N ALA A 193 -14.72 -6.25 14.55
CA ALA A 193 -14.60 -6.91 13.25
C ALA A 193 -15.85 -6.65 12.39
N LYS A 194 -17.03 -6.66 13.02
CA LYS A 194 -18.29 -6.46 12.33
C LYS A 194 -18.36 -5.02 11.79
N LEU A 195 -17.88 -4.02 12.54
CA LEU A 195 -17.92 -2.66 12.00
C LEU A 195 -16.90 -2.55 10.84
N VAL A 196 -15.73 -3.17 11.02
CA VAL A 196 -14.71 -3.21 9.98
C VAL A 196 -15.33 -3.84 8.71
N GLU A 197 -16.06 -4.94 8.87
CA GLU A 197 -16.71 -5.63 7.73
C GLU A 197 -17.75 -4.70 7.09
N ALA A 198 -18.54 -4.02 7.92
CA ALA A 198 -19.58 -3.15 7.42
C ALA A 198 -18.95 -2.07 6.54
N ILE A 199 -17.86 -1.45 7.02
CA ILE A 199 -17.18 -0.37 6.27
C ILE A 199 -16.66 -0.95 4.93
N GLN A 200 -16.03 -2.14 4.99
CA GLN A 200 -15.40 -2.74 3.82
C GLN A 200 -16.45 -3.09 2.75
N ASP A 201 -17.58 -3.64 3.21
CA ASP A 201 -18.72 -4.06 2.35
C ASP A 201 -19.19 -2.88 1.50
N ARG A 202 -19.41 -1.74 2.15
CA ARG A 202 -19.81 -0.51 1.53
C ARG A 202 -18.83 -0.23 0.38
N LEU A 203 -17.54 -0.44 0.65
CA LEU A 203 -16.49 -0.19 -0.32
C LEU A 203 -16.52 -1.26 -1.41
N SER A 204 -16.58 -2.53 -1.00
CA SER A 204 -16.66 -3.69 -1.93
C SER A 204 -17.83 -3.52 -2.92
N ASN A 205 -19.00 -3.16 -2.37
CA ASN A 205 -20.24 -3.06 -3.14
C ASN A 205 -20.10 -1.91 -4.14
N THR A 206 -19.48 -0.82 -3.71
CA THR A 206 -19.15 0.27 -4.59
C THR A 206 -18.27 -0.22 -5.75
N LEU A 207 -17.19 -0.94 -5.41
CA LEU A 207 -16.24 -1.42 -6.42
C LEU A 207 -16.97 -2.31 -7.44
N GLN A 208 -17.76 -3.26 -6.94
CA GLN A 208 -18.50 -4.24 -7.81
C GLN A 208 -19.45 -3.50 -8.76
N THR A 209 -20.23 -2.56 -8.19
CA THR A 209 -21.18 -1.78 -8.97
C THR A 209 -20.43 -0.91 -9.98
N TYR A 210 -19.30 -0.31 -9.59
CA TYR A 210 -18.53 0.53 -10.49
C TYR A 210 -18.03 -0.29 -11.70
N ILE A 211 -17.52 -1.51 -11.44
CA ILE A 211 -17.01 -2.38 -12.53
C ILE A 211 -18.14 -2.66 -13.54
N ARG A 212 -19.29 -3.13 -13.03
CA ARG A 212 -20.52 -3.38 -13.82
C ARG A 212 -20.91 -2.16 -14.67
N CYS A 213 -20.93 -0.95 -14.09
CA CYS A 213 -21.46 0.26 -14.77
C CYS A 213 -20.43 0.99 -15.61
N ARG A 214 -19.17 1.01 -15.21
CA ARG A 214 -18.25 1.97 -15.83
C ARG A 214 -17.06 1.27 -16.45
N HIS A 215 -16.92 -0.06 -16.29
CA HIS A 215 -15.76 -0.76 -16.86
C HIS A 215 -16.22 -1.60 -18.05
N PRO A 216 -15.87 -1.18 -19.28
CA PRO A 216 -16.31 -1.89 -20.49
C PRO A 216 -15.70 -3.29 -20.60
N PRO A 217 -16.47 -4.32 -21.04
CA PRO A 217 -15.90 -5.57 -21.51
C PRO A 217 -14.96 -5.25 -22.68
N PRO A 218 -13.91 -6.08 -22.89
CA PRO A 218 -13.58 -7.27 -22.12
C PRO A 218 -12.80 -7.03 -20.81
N GLY A 219 -12.10 -5.88 -20.74
CA GLY A 219 -11.36 -5.44 -19.55
C GLY A 219 -12.01 -5.81 -18.23
N SER A 220 -13.35 -5.85 -18.19
CA SER A 220 -14.15 -6.05 -16.96
C SER A 220 -14.31 -7.53 -16.59
N HIS A 221 -13.80 -8.45 -17.43
CA HIS A 221 -14.08 -9.89 -17.29
C HIS A 221 -13.44 -10.46 -16.02
N GLN A 222 -14.31 -10.79 -15.06
CA GLN A 222 -13.96 -11.34 -13.78
C GLN A 222 -13.01 -10.38 -13.05
N LEU A 223 -13.20 -9.08 -13.28
CA LEU A 223 -12.20 -8.13 -12.83
C LEU A 223 -12.23 -8.04 -11.29
N TYR A 224 -13.43 -8.12 -10.69
CA TYR A 224 -13.58 -8.07 -9.26
C TYR A 224 -12.87 -9.25 -8.60
N ALA A 225 -13.08 -10.44 -9.17
CA ALA A 225 -12.52 -11.65 -8.63
C ALA A 225 -11.00 -11.56 -8.73
N LYS A 226 -10.48 -10.97 -9.82
CA LYS A 226 -9.04 -10.83 -10.01
C LYS A 226 -8.44 -9.78 -9.05
N MET A 227 -9.21 -8.74 -8.69
CA MET A 227 -8.75 -7.72 -7.77
C MET A 227 -8.66 -8.32 -6.36
N ILE A 228 -9.68 -9.09 -5.97
CA ILE A 228 -9.72 -9.72 -4.64
C ILE A 228 -8.58 -10.74 -4.51
N GLN A 229 -8.22 -11.40 -5.61
CA GLN A 229 -7.11 -12.32 -5.67
C GLN A 229 -5.79 -11.57 -5.36
N LYS A 230 -5.67 -10.31 -5.82
CA LYS A 230 -4.48 -9.51 -5.57
C LYS A 230 -4.35 -9.25 -4.07
N LEU A 231 -5.48 -9.12 -3.37
CA LEU A 231 -5.47 -8.95 -1.92
C LEU A 231 -4.87 -10.20 -1.26
N ALA A 232 -5.12 -11.38 -1.86
CA ALA A 232 -4.57 -12.64 -1.33
C ALA A 232 -3.06 -12.66 -1.53
N ASP A 233 -2.63 -12.28 -2.73
CA ASP A 233 -1.22 -12.23 -3.04
C ASP A 233 -0.50 -11.29 -2.05
N LEU A 234 -1.12 -10.14 -1.74
CA LEU A 234 -0.53 -9.18 -0.84
C LEU A 234 -0.32 -9.77 0.56
N ARG A 235 -1.20 -10.66 1.03
CA ARG A 235 -1.05 -11.27 2.36
C ARG A 235 0.23 -12.08 2.40
N SER A 236 0.48 -12.80 1.29
CA SER A 236 1.64 -13.63 1.13
C SER A 236 2.92 -12.78 1.12
N LEU A 237 2.89 -11.67 0.38
CA LEU A 237 4.00 -10.70 0.33
C LEU A 237 4.26 -10.07 1.70
N ASN A 238 3.21 -9.73 2.42
CA ASN A 238 3.29 -9.14 3.76
C ASN A 238 4.02 -10.13 4.71
N GLU A 239 3.57 -11.38 4.71
CA GLU A 239 4.16 -12.46 5.50
C GLU A 239 5.66 -12.57 5.22
N GLU A 240 6.05 -12.63 3.94
CA GLU A 240 7.43 -12.77 3.58
C GLU A 240 8.21 -11.51 4.00
N HIS A 241 7.61 -10.33 3.79
CA HIS A 241 8.24 -9.09 4.20
C HIS A 241 8.50 -9.12 5.72
N SER A 242 7.49 -9.53 6.48
CA SER A 242 7.62 -9.66 7.93
C SER A 242 8.82 -10.53 8.28
N LYS A 243 8.88 -11.72 7.69
CA LYS A 243 9.95 -12.67 7.96
C LYS A 243 11.30 -11.98 7.73
N GLN A 244 11.49 -11.34 6.58
CA GLN A 244 12.77 -10.77 6.27
C GLN A 244 13.08 -9.52 7.10
N TYR A 245 12.04 -8.76 7.50
CA TYR A 245 12.20 -7.62 8.36
C TYR A 245 12.75 -8.08 9.72
N ARG A 246 12.22 -9.17 10.26
CA ARG A 246 12.72 -9.75 11.53
C ARG A 246 14.24 -10.03 11.40
N SER A 247 14.67 -10.70 10.32
CA SER A 247 16.11 -11.01 10.10
C SER A 247 16.93 -9.72 10.01
N LEU A 248 16.53 -8.84 9.10
CA LEU A 248 17.23 -7.59 8.87
C LEU A 248 17.42 -6.89 10.23
N SER A 249 16.35 -6.81 11.03
CA SER A 249 16.27 -5.91 12.17
C SER A 249 16.83 -6.58 13.44
N PHE A 250 17.16 -7.87 13.38
CA PHE A 250 17.73 -8.58 14.54
C PHE A 250 19.12 -8.03 14.85
N GLN A 251 19.77 -7.46 13.84
CA GLN A 251 21.14 -6.94 13.89
C GLN A 251 21.10 -5.43 14.13
N PRO A 252 21.35 -4.93 15.37
CA PRO A 252 21.21 -3.51 15.69
C PRO A 252 21.83 -2.50 14.71
N GLU A 253 22.88 -2.88 13.99
CA GLU A 253 23.58 -1.95 13.10
C GLU A 253 22.73 -1.68 11.85
N ASN A 254 21.80 -2.60 11.56
CA ASN A 254 20.87 -2.48 10.43
C ASN A 254 19.61 -1.70 10.87
N SER A 255 19.08 -2.07 12.04
CA SER A 255 18.00 -1.32 12.73
C SER A 255 18.32 0.17 12.81
N MET A 256 19.57 0.48 13.18
CA MET A 256 20.08 1.83 13.28
C MET A 256 19.80 2.62 12.01
N LYS A 257 19.74 1.95 10.84
CA LYS A 257 19.65 2.64 9.54
C LYS A 257 18.17 2.90 9.14
N LEU A 258 17.21 2.38 9.92
CA LEU A 258 15.78 2.57 9.63
C LEU A 258 15.32 3.93 10.20
N THR A 259 13.99 4.16 10.22
CA THR A 259 13.43 5.34 10.84
C THR A 259 12.66 4.90 12.08
N PRO A 260 12.35 5.81 13.01
CA PRO A 260 11.52 5.43 14.17
C PRO A 260 10.10 4.97 13.78
N LEU A 261 9.53 5.56 12.73
CA LEU A 261 8.18 5.13 12.31
C LEU A 261 8.23 3.68 11.80
N VAL A 262 9.24 3.38 10.99
CA VAL A 262 9.38 2.02 10.43
C VAL A 262 9.55 1.04 11.59
N LEU A 263 10.38 1.41 12.58
CA LEU A 263 10.62 0.52 13.72
C LEU A 263 9.31 0.26 14.49
N GLU A 264 8.51 1.31 14.66
CA GLU A 264 7.23 1.20 15.35
C GLU A 264 6.24 0.35 14.53
N VAL A 265 6.13 0.63 13.23
CA VAL A 265 5.07 -0.05 12.43
C VAL A 265 5.43 -1.52 12.20
N PHE A 266 6.67 -1.81 11.86
CA PHE A 266 7.07 -3.17 11.50
C PHE A 266 7.60 -3.94 12.72
N GLY A 267 7.95 -3.28 13.83
CA GLY A 267 8.20 -3.93 15.16
C GLY A 267 9.65 -4.30 15.40
N ASN B 2 0.00 0.76 21.87
CA ASN B 2 1.46 0.81 22.27
C ASN B 2 2.30 1.51 21.17
N HIS B 3 1.67 2.35 20.33
CA HIS B 3 2.26 2.84 19.08
C HIS B 3 2.10 4.34 18.97
N PRO B 4 2.91 5.11 19.72
CA PRO B 4 2.69 6.55 19.85
C PRO B 4 2.69 7.35 18.54
N MET B 5 3.60 7.02 17.63
CA MET B 5 3.77 7.81 16.39
C MET B 5 2.58 7.57 15.46
N LEU B 6 2.20 6.30 15.34
CA LEU B 6 1.06 5.88 14.58
C LEU B 6 -0.19 6.56 15.15
N MET B 7 -0.34 6.56 16.47
CA MET B 7 -1.53 7.17 17.07
C MET B 7 -1.55 8.67 16.73
N ASN B 8 -0.42 9.34 16.94
CA ASN B 8 -0.32 10.76 16.67
C ASN B 8 -0.77 11.06 15.23
N LEU B 9 -0.30 10.27 14.25
CA LEU B 9 -0.56 10.53 12.82
C LEU B 9 -2.04 10.26 12.45
N LEU B 10 -2.72 9.40 13.23
CA LEU B 10 -4.12 9.02 12.97
C LEU B 10 -5.12 10.04 13.54
N LYS B 11 -4.85 10.56 14.74
CA LYS B 11 -5.75 11.49 15.41
C LYS B 11 -6.09 12.66 14.47
C1 D0O C . 13.03 -2.56 0.53
C2 D0O C . 12.87 -1.56 1.65
C3 D0O C . 12.04 -2.19 2.73
C4 D0O C . 10.69 -2.71 2.26
C5 D0O C . 10.87 -3.63 1.06
C6 D0O C . 9.50 -4.07 0.54
C7 D0O C . 8.69 -3.01 -0.19
C8 D0O C . 9.53 -2.33 -1.25
C9 D0O C . 10.90 -1.87 -0.73
C10 D0O C . 11.71 -3.02 -0.09
C11 D0O C . 11.64 -1.14 -1.83
C12 D0O C . 10.85 0.02 -2.36
C13 D0O C . 9.50 -0.38 -2.92
C14 D0O C . 8.78 -1.12 -1.82
C15 D0O C . 7.39 -1.32 -2.35
C16 D0O C . 7.17 -0.03 -3.16
C17 D0O C . 8.50 0.74 -3.17
C18 D0O C . 9.70 -1.25 -4.15
C19 D0O C . 12.08 -4.15 -1.06
C20 D0O C . 8.54 1.65 -4.42
C21 D0O C . 9.91 2.26 -4.65
C22 D0O C . 7.48 2.76 -4.26
C23 D0O C . 7.23 3.57 -5.53
C24 D0O C . 5.92 4.34 -5.51
C25 D0O C . 13.65 -1.83 5.40
O4A D0O C . 5.35 4.60 -4.47
O4 D0O C . 5.35 4.71 -6.64
O1 D0O C . 11.83 -1.12 3.66
S D0O C . 12.06 -1.44 5.16
OP2 D0O C . 11.67 -0.28 5.89
OP1 D0O C . 11.31 -2.54 5.67
#